data_1IMH
#
_entry.id   1IMH
#
_cell.length_a   59.568
_cell.length_b   95.368
_cell.length_c   158.431
_cell.angle_alpha   90.00
_cell.angle_beta   90.00
_cell.angle_gamma   90.00
#
_symmetry.space_group_name_H-M   'P 21 21 21'
#
loop_
_entity.id
_entity.type
_entity.pdbx_description
1 polymer "5'-D(*TP*TP*GP*CP*TP*GP*GP*AP*AP*AP*AP*AP*TP*AP*G)-3'"
2 polymer "5'-D(*AP*AP*CP*TP*AP*TP*TP*TP*TP*TP*CP*CP*AP*GP*C)-3'"
3 polymer 'NUCLEAR FACTOR OF ACTIVATED T CELLS 5'
#
loop_
_entity_poly.entity_id
_entity_poly.type
_entity_poly.pdbx_seq_one_letter_code
_entity_poly.pdbx_strand_id
1 'polydeoxyribonucleotide' (DT)(DT)(DG)(DC)(DT)(DG)(DG)(DA)(DA)(DA)(DA)(DA)(DT)(DA)(DG) A
2 'polydeoxyribonucleotide' (DA)(DA)(DC)(DT)(DA)(DT)(DT)(DT)(DT)(DT)(DC)(DC)(DA)(DG)(DC) B
3 'polypeptide(L)'
;KKSPMLCGQYPVKSEGKELKIVVQPETQHRARYLTEGSRGSVKDRTQQGFPTVKLEGHNEPVVLQVFVGNDSGRVKPHGF
YQACRVTGRNTTPCKEVDIEGTTVIEVGLDPSNNMTLAVDCVGILKLRNADVEARIGIAGSKKKSTRARLVFRVNIMRKD
GSTLTLQTPSSPILCTQPAGVPEILKKSLHSCSVKGEEEVFLIGKNFLKGTKVIFQENVSDENSWKSEAEIDMELFHQNH
LIVKVPPYHDQHITLPVSVGIYVVTNAGRSHDVQPFTYTPD
;
C,D
#
loop_
_chem_comp.id
_chem_comp.type
_chem_comp.name
_chem_comp.formula
DA DNA linking 2'-DEOXYADENOSINE-5'-MONOPHOSPHATE 'C10 H14 N5 O6 P'
DC DNA linking 2'-DEOXYCYTIDINE-5'-MONOPHOSPHATE 'C9 H14 N3 O7 P'
DG DNA linking 2'-DEOXYGUANOSINE-5'-MONOPHOSPHATE 'C10 H14 N5 O7 P'
DT DNA linking THYMIDINE-5'-MONOPHOSPHATE 'C10 H15 N2 O8 P'
#
# COMPACT_ATOMS: atom_id res chain seq x y z
N LYS C 1 -33.84 24.83 4.92
CA LYS C 1 -34.10 23.77 3.91
C LYS C 1 -35.32 22.93 4.29
N LYS C 2 -36.14 22.59 3.28
CA LYS C 2 -37.35 21.80 3.49
C LYS C 2 -36.97 20.33 3.72
N SER C 3 -35.76 19.98 3.32
CA SER C 3 -35.18 18.64 3.45
C SER C 3 -35.74 17.54 2.51
N PRO C 4 -36.09 17.90 1.26
CA PRO C 4 -36.62 16.89 0.33
C PRO C 4 -35.59 15.77 0.20
N MET C 5 -36.05 14.51 0.18
CA MET C 5 -35.11 13.38 0.08
C MET C 5 -34.01 13.62 -0.95
N LEU C 6 -32.78 13.42 -0.51
CA LEU C 6 -31.59 13.62 -1.33
C LEU C 6 -31.58 12.78 -2.60
N CYS C 7 -32.26 11.64 -2.57
CA CYS C 7 -32.31 10.74 -3.71
C CYS C 7 -33.31 11.06 -4.82
N GLY C 8 -34.27 11.95 -4.55
CA GLY C 8 -35.26 12.28 -5.57
C GLY C 8 -34.75 12.85 -6.87
N GLN C 9 -35.52 12.71 -7.94
CA GLN C 9 -35.14 13.24 -9.25
C GLN C 9 -35.56 14.70 -9.28
N TYR C 10 -34.63 15.62 -9.61
CA TYR C 10 -34.97 17.03 -9.66
C TYR C 10 -34.37 17.65 -10.89
N PRO C 11 -35.00 18.71 -11.41
CA PRO C 11 -34.51 19.40 -12.60
C PRO C 11 -33.52 20.52 -12.27
N VAL C 12 -32.79 20.95 -13.28
CA VAL C 12 -31.83 22.03 -13.11
C VAL C 12 -32.62 23.34 -13.13
N LYS C 13 -33.51 23.45 -14.11
CA LYS C 13 -34.33 24.64 -14.25
C LYS C 13 -35.80 24.26 -14.24
N SER C 14 -36.66 25.24 -13.93
CA SER C 14 -38.10 25.05 -13.90
C SER C 14 -38.77 26.31 -13.36
N GLU C 15 -40.01 26.55 -13.81
CA GLU C 15 -40.79 27.70 -13.37
C GLU C 15 -39.98 28.98 -13.54
N GLY C 16 -39.26 29.05 -14.67
CA GLY C 16 -38.46 30.21 -14.98
C GLY C 16 -37.24 30.42 -14.09
N LYS C 17 -36.73 29.33 -13.54
CA LYS C 17 -35.57 29.43 -12.65
C LYS C 17 -34.53 28.36 -12.98
N GLU C 18 -33.26 28.75 -13.03
CA GLU C 18 -32.20 27.79 -13.29
C GLU C 18 -31.10 27.91 -12.25
N LEU C 19 -30.54 26.77 -11.88
CA LEU C 19 -29.44 26.70 -10.93
C LEU C 19 -28.29 26.16 -11.77
N LYS C 20 -27.46 27.06 -12.27
CA LYS C 20 -26.36 26.61 -13.11
C LYS C 20 -24.98 26.74 -12.49
N ILE C 21 -24.09 25.83 -12.89
CA ILE C 21 -22.73 25.82 -12.42
C ILE C 21 -21.92 26.64 -13.41
N VAL C 22 -21.56 27.84 -13.00
CA VAL C 22 -20.78 28.72 -13.86
C VAL C 22 -19.33 28.22 -13.96
N VAL C 23 -18.74 27.85 -12.84
CA VAL C 23 -17.37 27.36 -12.84
C VAL C 23 -17.23 25.99 -12.18
N GLN C 24 -17.03 24.97 -13.01
CA GLN C 24 -16.87 23.60 -12.58
C GLN C 24 -15.68 23.45 -11.63
N PRO C 25 -15.74 22.46 -10.73
CA PRO C 25 -14.65 22.22 -9.78
C PRO C 25 -13.51 21.51 -10.50
N GLU C 26 -12.34 21.50 -9.88
CA GLU C 26 -11.15 20.85 -10.44
C GLU C 26 -11.48 19.40 -10.81
N THR C 27 -10.71 18.81 -11.73
CA THR C 27 -11.00 17.42 -12.07
C THR C 27 -10.49 16.50 -10.97
N GLN C 28 -9.68 17.04 -10.06
CA GLN C 28 -9.14 16.24 -8.97
C GLN C 28 -8.94 17.05 -7.71
N HIS C 29 -9.29 16.45 -6.58
CA HIS C 29 -9.17 17.05 -5.27
C HIS C 29 -8.92 15.94 -4.29
N ARG C 30 -7.78 15.97 -3.61
CA ARG C 30 -7.43 14.94 -2.66
C ARG C 30 -8.26 14.97 -1.40
N ALA C 31 -9.12 13.97 -1.23
CA ALA C 31 -9.96 13.89 -0.04
C ALA C 31 -9.05 13.72 1.16
N ARG C 32 -9.49 14.19 2.31
CA ARG C 32 -8.71 14.04 3.54
C ARG C 32 -9.36 12.93 4.36
N TYR C 33 -8.63 12.40 5.34
CA TYR C 33 -9.21 11.38 6.21
C TYR C 33 -9.52 12.03 7.55
N LEU C 34 -10.34 11.36 8.36
CA LEU C 34 -10.74 11.88 9.66
C LEU C 34 -9.54 11.91 10.60
N THR C 35 -8.69 10.90 10.45
CA THR C 35 -7.50 10.77 11.28
C THR C 35 -6.47 11.85 11.01
N GLU C 36 -6.66 12.68 9.98
CA GLU C 36 -5.68 13.73 9.70
C GLU C 36 -6.26 15.13 9.58
N GLY C 37 -5.37 16.11 9.42
CA GLY C 37 -5.78 17.49 9.30
C GLY C 37 -6.76 17.75 8.17
N SER C 38 -7.11 19.02 7.99
CA SER C 38 -8.03 19.42 6.94
C SER C 38 -7.21 19.54 5.68
N ARG C 39 -7.84 19.44 4.51
CA ARG C 39 -7.07 19.56 3.29
C ARG C 39 -7.54 20.63 2.33
N GLY C 40 -8.34 21.57 2.81
CA GLY C 40 -8.69 22.62 1.89
C GLY C 40 -9.98 22.47 1.14
N SER C 41 -10.48 23.61 0.66
CA SER C 41 -11.71 23.66 -0.10
C SER C 41 -11.43 23.09 -1.47
N VAL C 42 -12.48 22.84 -2.23
CA VAL C 42 -12.33 22.32 -3.58
C VAL C 42 -12.17 23.55 -4.45
N LYS C 43 -11.08 23.58 -5.22
CA LYS C 43 -10.80 24.71 -6.09
C LYS C 43 -11.50 24.51 -7.42
N ASP C 44 -11.20 25.38 -8.38
CA ASP C 44 -11.78 25.25 -9.72
C ASP C 44 -10.69 24.66 -10.60
N ARG C 45 -10.85 24.70 -11.91
CA ARG C 45 -9.84 24.12 -12.79
C ARG C 45 -8.56 24.95 -12.98
N THR C 46 -8.60 26.23 -12.63
CA THR C 46 -7.41 27.06 -12.74
C THR C 46 -6.66 27.11 -11.42
N GLN C 47 -7.20 26.42 -10.42
CA GLN C 47 -6.60 26.41 -9.10
C GLN C 47 -6.56 27.81 -8.49
N GLN C 48 -7.08 28.80 -9.22
CA GLN C 48 -7.05 30.17 -8.72
C GLN C 48 -8.36 30.73 -8.16
N GLY C 49 -9.37 29.88 -8.11
CA GLY C 49 -10.66 30.29 -7.58
C GLY C 49 -11.40 29.07 -7.07
N PHE C 50 -12.73 29.13 -7.09
CA PHE C 50 -13.53 28.03 -6.61
C PHE C 50 -14.71 27.71 -7.50
N PRO C 51 -15.28 26.50 -7.38
CA PRO C 51 -16.42 26.20 -8.24
C PRO C 51 -17.48 27.25 -7.95
N THR C 52 -18.08 27.80 -9.00
CA THR C 52 -19.09 28.83 -8.81
C THR C 52 -20.45 28.49 -9.38
N VAL C 53 -21.46 28.60 -8.53
CA VAL C 53 -22.82 28.32 -8.94
C VAL C 53 -23.66 29.59 -8.97
N LYS C 54 -24.57 29.68 -9.93
CA LYS C 54 -25.42 30.85 -10.07
C LYS C 54 -26.90 30.46 -10.17
N LEU C 55 -27.76 31.30 -9.57
CA LEU C 55 -29.19 31.08 -9.59
C LEU C 55 -29.93 32.18 -10.34
N GLU C 56 -30.17 31.93 -11.63
CA GLU C 56 -30.88 32.89 -12.48
C GLU C 56 -32.38 32.64 -12.39
N GLY C 57 -33.17 33.68 -12.67
CA GLY C 57 -34.61 33.54 -12.62
C GLY C 57 -35.18 33.61 -11.21
N HIS C 58 -34.57 34.43 -10.37
CA HIS C 58 -34.99 34.59 -8.99
C HIS C 58 -34.05 35.60 -8.35
N ASN C 59 -34.59 36.44 -7.47
CA ASN C 59 -33.77 37.45 -6.83
C ASN C 59 -33.98 37.67 -5.33
N GLU C 60 -34.17 36.58 -4.59
CA GLU C 60 -34.36 36.68 -3.14
C GLU C 60 -33.29 35.85 -2.43
N PRO C 61 -33.13 36.06 -1.11
CA PRO C 61 -32.11 35.26 -0.43
C PRO C 61 -32.61 33.81 -0.35
N VAL C 62 -31.76 32.87 -0.75
CA VAL C 62 -32.11 31.44 -0.72
C VAL C 62 -30.91 30.60 -0.33
N VAL C 63 -31.07 29.72 0.65
CA VAL C 63 -29.96 28.88 1.07
C VAL C 63 -29.59 27.86 0.00
N LEU C 64 -28.30 27.78 -0.28
CA LEU C 64 -27.77 26.83 -1.26
C LEU C 64 -27.24 25.64 -0.50
N GLN C 65 -27.61 24.44 -0.93
CA GLN C 65 -27.15 23.25 -0.27
C GLN C 65 -26.11 22.53 -1.13
N VAL C 66 -25.12 21.96 -0.47
CA VAL C 66 -24.07 21.23 -1.18
C VAL C 66 -23.76 19.94 -0.44
N PHE C 67 -23.54 18.89 -1.20
CA PHE C 67 -23.16 17.60 -0.63
C PHE C 67 -22.47 16.78 -1.72
N VAL C 68 -21.64 15.84 -1.29
CA VAL C 68 -20.89 14.99 -2.19
C VAL C 68 -21.71 13.78 -2.62
N GLY C 69 -21.93 13.66 -3.93
CA GLY C 69 -22.71 12.53 -4.42
C GLY C 69 -21.88 11.63 -5.31
N ASN C 70 -22.48 10.54 -5.76
CA ASN C 70 -21.80 9.60 -6.65
C ASN C 70 -21.25 10.34 -7.88
N ASP C 71 -20.36 9.67 -8.61
CA ASP C 71 -19.72 10.27 -9.77
C ASP C 71 -20.56 10.34 -11.02
N SER C 72 -21.62 9.55 -11.09
CA SER C 72 -22.45 9.58 -12.29
C SER C 72 -23.76 8.85 -12.14
N GLY C 73 -24.68 9.11 -13.07
CA GLY C 73 -25.96 8.44 -13.04
C GLY C 73 -26.97 9.26 -12.26
N ARG C 74 -27.93 8.58 -11.63
CA ARG C 74 -28.92 9.29 -10.85
C ARG C 74 -28.24 9.72 -9.57
N VAL C 75 -28.28 11.01 -9.31
CA VAL C 75 -27.64 11.57 -8.12
C VAL C 75 -28.04 10.91 -6.80
N LYS C 76 -27.06 10.35 -6.13
CA LYS C 76 -27.25 9.72 -4.83
C LYS C 76 -26.04 10.21 -4.03
N PRO C 77 -26.21 10.44 -2.73
CA PRO C 77 -25.02 10.90 -2.01
C PRO C 77 -23.95 9.79 -2.06
N HIS C 78 -22.71 10.16 -2.33
CA HIS C 78 -21.63 9.19 -2.41
C HIS C 78 -21.60 8.36 -1.11
N GLY C 79 -21.16 7.11 -1.19
CA GLY C 79 -21.15 6.29 -0.01
C GLY C 79 -19.83 6.28 0.73
N PHE C 80 -18.77 6.71 0.06
CA PHE C 80 -17.45 6.71 0.68
C PHE C 80 -16.93 8.10 1.02
N TYR C 81 -17.64 9.13 0.57
CA TYR C 81 -17.23 10.49 0.83
C TYR C 81 -18.33 11.31 1.47
N GLN C 82 -17.92 12.25 2.31
CA GLN C 82 -18.86 13.15 2.99
C GLN C 82 -18.38 14.56 2.78
N ALA C 83 -19.29 15.49 2.49
CA ALA C 83 -18.88 16.89 2.31
C ALA C 83 -18.51 17.45 3.69
N CYS C 84 -17.67 18.48 3.74
CA CYS C 84 -17.30 19.08 5.02
C CYS C 84 -16.99 20.55 4.86
N ARG C 85 -17.22 21.31 5.93
CA ARG C 85 -16.98 22.75 5.88
C ARG C 85 -15.51 23.07 6.06
N VAL C 86 -15.07 24.16 5.42
CA VAL C 86 -13.69 24.61 5.50
C VAL C 86 -13.70 26.05 6.01
N THR C 87 -13.25 26.26 7.24
CA THR C 87 -13.24 27.62 7.80
C THR C 87 -11.99 28.39 7.43
N GLY C 88 -12.11 29.70 7.34
CA GLY C 88 -10.99 30.55 7.01
C GLY C 88 -11.36 32.02 7.11
N ARG C 89 -10.39 32.85 7.51
CA ARG C 89 -10.62 34.29 7.67
C ARG C 89 -10.90 34.98 6.34
N ASN C 90 -11.36 34.23 5.36
CA ASN C 90 -11.68 34.78 4.04
C ASN C 90 -12.70 33.90 3.33
N THR C 91 -12.97 32.72 3.91
CA THR C 91 -13.92 31.78 3.33
C THR C 91 -15.35 32.15 3.71
N THR C 92 -16.30 31.82 2.82
CA THR C 92 -17.71 32.10 3.06
C THR C 92 -18.22 31.26 4.24
N PRO C 93 -19.00 31.88 5.14
CA PRO C 93 -19.55 31.19 6.32
C PRO C 93 -20.63 30.20 5.91
N CYS C 94 -20.80 29.16 6.70
CA CYS C 94 -21.80 28.14 6.38
C CYS C 94 -22.08 27.22 7.56
N LYS C 95 -23.20 26.52 7.49
CA LYS C 95 -23.61 25.58 8.53
C LYS C 95 -23.36 24.16 8.02
N GLU C 96 -23.23 23.21 8.95
CA GLU C 96 -23.02 21.83 8.57
C GLU C 96 -24.16 20.99 9.15
N VAL C 97 -25.17 20.71 8.33
CA VAL C 97 -26.32 19.92 8.78
C VAL C 97 -26.26 18.48 8.26
N ASP C 98 -26.99 17.58 8.92
CA ASP C 98 -27.01 16.17 8.54
C ASP C 98 -28.39 15.76 8.01
N ILE C 99 -28.44 15.21 6.81
CA ILE C 99 -29.70 14.78 6.22
C ILE C 99 -29.60 13.33 5.78
N GLU C 100 -30.55 12.51 6.22
CA GLU C 100 -30.54 11.11 5.85
C GLU C 100 -29.17 10.51 6.11
N GLY C 101 -28.49 11.00 7.14
CA GLY C 101 -27.18 10.46 7.47
C GLY C 101 -26.01 11.02 6.68
N THR C 102 -26.28 11.81 5.66
CA THR C 102 -25.19 12.37 4.89
C THR C 102 -25.05 13.83 5.29
N THR C 103 -23.82 14.33 5.27
CA THR C 103 -23.54 15.70 5.64
C THR C 103 -23.80 16.65 4.51
N VAL C 104 -24.56 17.70 4.78
CA VAL C 104 -24.86 18.69 3.76
C VAL C 104 -24.40 20.07 4.22
N ILE C 105 -23.76 20.82 3.33
CA ILE C 105 -23.26 22.14 3.68
C ILE C 105 -24.18 23.22 3.15
N GLU C 106 -24.69 24.05 4.05
CA GLU C 106 -25.59 25.13 3.67
C GLU C 106 -24.88 26.48 3.59
N VAL C 107 -24.87 27.05 2.40
CA VAL C 107 -24.26 28.36 2.17
C VAL C 107 -25.41 29.27 1.80
N GLY C 108 -25.19 30.58 1.80
CA GLY C 108 -26.26 31.50 1.47
C GLY C 108 -26.11 32.19 0.14
N LEU C 109 -27.00 31.89 -0.80
CA LEU C 109 -26.96 32.52 -2.11
C LEU C 109 -27.73 33.83 -1.93
N ASP C 110 -27.23 34.93 -2.50
CA ASP C 110 -27.91 36.21 -2.32
C ASP C 110 -27.93 37.16 -3.53
N PRO C 111 -28.95 38.02 -3.60
CA PRO C 111 -29.09 38.99 -4.70
C PRO C 111 -28.10 40.14 -4.58
N SER C 112 -27.66 40.41 -3.35
CA SER C 112 -26.69 41.47 -3.10
C SER C 112 -25.45 41.19 -3.92
N ASN C 113 -25.36 39.96 -4.43
CA ASN C 113 -24.24 39.53 -5.26
C ASN C 113 -24.79 38.86 -6.50
N ASN C 114 -25.94 39.38 -6.96
CA ASN C 114 -26.63 38.89 -8.14
C ASN C 114 -26.87 37.38 -8.16
N MET C 115 -27.24 36.82 -7.01
CA MET C 115 -27.51 35.40 -6.89
C MET C 115 -26.37 34.50 -7.38
N THR C 116 -25.16 34.87 -6.99
CA THR C 116 -23.99 34.09 -7.38
C THR C 116 -23.08 33.94 -6.17
N LEU C 117 -22.33 32.84 -6.13
CA LEU C 117 -21.43 32.57 -5.02
C LEU C 117 -20.35 31.59 -5.45
N ALA C 118 -19.12 31.88 -5.05
CA ALA C 118 -18.00 31.01 -5.36
C ALA C 118 -17.77 30.14 -4.14
N VAL C 119 -18.36 28.95 -4.15
CA VAL C 119 -18.23 28.04 -3.02
C VAL C 119 -16.78 27.77 -2.71
N ASP C 120 -16.29 28.43 -1.67
CA ASP C 120 -14.91 28.29 -1.23
C ASP C 120 -14.87 27.69 0.16
N CYS C 121 -16.00 27.19 0.65
CA CYS C 121 -16.05 26.63 1.99
C CYS C 121 -16.37 25.15 2.07
N VAL C 122 -16.18 24.43 0.96
CA VAL C 122 -16.49 23.00 0.97
C VAL C 122 -15.30 22.09 0.67
N GLY C 123 -15.07 21.15 1.58
CA GLY C 123 -13.99 20.21 1.41
C GLY C 123 -14.60 18.83 1.30
N ILE C 124 -13.81 17.82 0.97
CA ILE C 124 -14.33 16.47 0.87
C ILE C 124 -13.63 15.55 1.86
N LEU C 125 -14.41 14.85 2.66
CA LEU C 125 -13.90 13.93 3.65
C LEU C 125 -13.99 12.47 3.19
N LYS C 126 -12.88 11.77 3.26
CA LYS C 126 -12.86 10.36 2.88
C LYS C 126 -13.28 9.54 4.08
N LEU C 127 -14.20 8.61 3.86
CA LEU C 127 -14.69 7.69 4.91
C LEU C 127 -13.88 6.39 4.80
N ARG C 128 -13.53 5.71 5.87
CA ARG C 128 -12.75 4.47 5.67
C ARG C 128 -13.60 3.34 5.10
N ASN C 129 -13.11 2.69 4.06
CA ASN C 129 -13.85 1.60 3.43
C ASN C 129 -14.36 0.63 4.48
N ALA C 130 -13.41 -0.06 5.10
CA ALA C 130 -13.72 -1.02 6.16
C ALA C 130 -14.85 -0.48 7.02
N ASP C 131 -14.85 0.82 7.28
CA ASP C 131 -15.90 1.41 8.09
C ASP C 131 -17.22 1.40 7.33
N VAL C 132 -17.19 1.84 6.07
CA VAL C 132 -18.41 1.85 5.27
C VAL C 132 -18.86 0.40 5.09
N GLU C 133 -17.90 -0.46 4.73
CA GLU C 133 -18.12 -1.89 4.50
C GLU C 133 -19.12 -2.48 5.50
N ALA C 134 -18.82 -2.32 6.79
CA ALA C 134 -19.63 -2.89 7.84
C ALA C 134 -20.93 -2.11 8.20
N ARG C 135 -21.52 -1.49 7.23
CA ARG C 135 -22.82 -0.81 7.36
C ARG C 135 -23.61 -1.10 6.07
N ILE C 136 -23.02 -0.78 4.93
CA ILE C 136 -23.64 -1.01 3.64
C ILE C 136 -22.82 -2.07 2.91
N GLY C 137 -23.16 -3.34 3.11
CA GLY C 137 -22.44 -4.42 2.46
C GLY C 137 -22.44 -4.32 0.94
N ILE C 138 -23.51 -3.75 0.39
CA ILE C 138 -23.65 -3.60 -1.07
C ILE C 138 -22.51 -2.76 -1.63
N ALA C 139 -21.70 -2.18 -0.75
CA ALA C 139 -20.58 -1.38 -1.17
C ALA C 139 -19.28 -2.10 -0.78
N GLY C 140 -18.54 -2.53 -1.80
CA GLY C 140 -17.29 -3.23 -1.62
C GLY C 140 -16.86 -3.73 -3.00
N SER C 141 -16.92 -5.04 -3.21
CA SER C 141 -16.57 -5.60 -4.51
C SER C 141 -17.70 -5.19 -5.44
N LYS C 142 -18.81 -4.80 -4.83
CA LYS C 142 -19.98 -4.34 -5.56
C LYS C 142 -19.66 -2.94 -6.10
N LYS C 143 -18.84 -2.19 -5.35
CA LYS C 143 -18.39 -0.88 -5.78
C LYS C 143 -17.63 -0.04 -4.76
N LYS C 144 -16.36 0.20 -5.06
CA LYS C 144 -15.51 1.05 -4.24
C LYS C 144 -15.23 2.11 -5.27
N SER C 145 -15.79 3.29 -5.04
CA SER C 145 -15.68 4.40 -5.95
C SER C 145 -14.77 5.49 -5.39
N THR C 146 -13.91 6.05 -6.22
CA THR C 146 -13.02 7.13 -5.78
C THR C 146 -13.34 8.42 -6.52
N ARG C 147 -14.47 8.44 -7.20
CA ARG C 147 -14.88 9.63 -7.93
C ARG C 147 -16.20 10.10 -7.35
N ALA C 148 -16.40 11.42 -7.33
CA ALA C 148 -17.63 11.99 -6.79
C ALA C 148 -17.96 13.32 -7.45
N ARG C 149 -19.21 13.75 -7.32
CA ARG C 149 -19.63 15.02 -7.87
C ARG C 149 -20.11 15.93 -6.75
N LEU C 150 -19.84 17.23 -6.88
CA LEU C 150 -20.34 18.19 -5.90
C LEU C 150 -21.81 18.39 -6.28
N VAL C 151 -22.72 18.07 -5.37
CA VAL C 151 -24.14 18.23 -5.70
C VAL C 151 -24.74 19.50 -5.10
N PHE C 152 -25.14 20.41 -5.98
CA PHE C 152 -25.75 21.69 -5.59
C PHE C 152 -27.27 21.64 -5.75
N ARG C 153 -27.99 22.34 -4.88
CA ARG C 153 -29.44 22.38 -4.98
C ARG C 153 -30.11 23.42 -4.09
N VAL C 154 -31.13 24.07 -4.62
CA VAL C 154 -31.87 25.10 -3.89
C VAL C 154 -33.29 24.63 -3.61
N ASN C 155 -33.82 25.02 -2.45
CA ASN C 155 -35.18 24.64 -2.09
C ASN C 155 -36.07 25.87 -1.92
N ILE C 156 -36.56 26.41 -3.03
CA ILE C 156 -37.41 27.58 -2.96
C ILE C 156 -38.82 27.16 -2.58
N MET C 157 -39.51 28.03 -1.85
CA MET C 157 -40.89 27.76 -1.43
C MET C 157 -41.81 28.67 -2.23
N ARG C 158 -42.73 28.08 -2.98
CA ARG C 158 -43.65 28.86 -3.80
C ARG C 158 -44.66 29.61 -2.93
N LYS C 159 -45.51 30.40 -3.58
CA LYS C 159 -46.51 31.21 -2.89
C LYS C 159 -47.24 30.46 -1.78
N ASP C 160 -47.66 29.24 -2.07
CA ASP C 160 -48.35 28.43 -1.07
C ASP C 160 -47.29 27.69 -0.25
N GLY C 161 -47.67 26.57 0.36
CA GLY C 161 -46.72 25.82 1.17
C GLY C 161 -45.77 24.94 0.38
N SER C 162 -45.94 24.91 -0.94
CA SER C 162 -45.11 24.09 -1.82
C SER C 162 -43.65 24.54 -1.85
N THR C 163 -42.79 23.66 -2.34
CA THR C 163 -41.36 23.94 -2.44
C THR C 163 -40.77 23.41 -3.74
N LEU C 164 -40.23 24.30 -4.56
CA LEU C 164 -39.59 23.92 -5.82
C LEU C 164 -38.15 23.51 -5.50
N THR C 165 -37.68 22.40 -6.07
CA THR C 165 -36.33 21.94 -5.79
C THR C 165 -35.41 21.82 -7.00
N LEU C 166 -34.56 22.82 -7.23
CA LEU C 166 -33.64 22.78 -8.37
C LEU C 166 -32.32 22.17 -7.94
N GLN C 167 -31.84 21.19 -8.70
CA GLN C 167 -30.58 20.54 -8.38
C GLN C 167 -29.68 20.34 -9.60
N THR C 168 -28.39 20.62 -9.43
CA THR C 168 -27.42 20.48 -10.50
C THR C 168 -26.07 19.94 -9.99
N PRO C 169 -25.67 18.76 -10.49
CA PRO C 169 -24.41 18.12 -10.10
C PRO C 169 -23.28 18.55 -11.03
N SER C 170 -22.07 18.66 -10.48
CA SER C 170 -20.89 19.08 -11.24
C SER C 170 -20.26 17.92 -11.99
N SER C 171 -19.12 18.20 -12.64
CA SER C 171 -18.38 17.17 -13.37
C SER C 171 -17.80 16.27 -12.29
N PRO C 172 -17.45 15.03 -12.64
CA PRO C 172 -16.91 14.21 -11.57
C PRO C 172 -15.54 14.70 -11.16
N ILE C 173 -15.18 14.41 -9.92
CA ILE C 173 -13.90 14.80 -9.38
C ILE C 173 -13.24 13.53 -8.89
N LEU C 174 -11.98 13.32 -9.28
CA LEU C 174 -11.23 12.15 -8.81
C LEU C 174 -10.75 12.61 -7.42
N CYS C 175 -11.12 11.88 -6.36
CA CYS C 175 -10.76 12.33 -5.02
C CYS C 175 -9.49 11.82 -4.36
N THR C 176 -8.57 11.30 -5.14
CA THR C 176 -7.36 10.77 -4.55
C THR C 176 -6.18 11.72 -4.71
N GLN C 177 -5.06 11.35 -4.09
CA GLN C 177 -3.82 12.12 -4.11
C GLN C 177 -3.08 12.11 -5.43
N PRO C 178 -2.83 13.31 -6.01
CA PRO C 178 -2.15 13.59 -7.28
C PRO C 178 -0.76 12.93 -7.43
N ALA C 179 -0.36 12.68 -8.67
CA ALA C 179 0.90 12.01 -8.94
C ALA C 179 2.22 12.60 -8.47
N GLY C 180 2.38 13.92 -8.50
CA GLY C 180 3.66 14.48 -8.09
C GLY C 180 4.62 14.47 -9.27
N VAL C 181 5.18 15.63 -9.58
CA VAL C 181 6.09 15.80 -10.72
C VAL C 181 7.28 14.85 -10.72
N PRO C 182 7.72 14.43 -11.92
CA PRO C 182 8.85 13.53 -12.09
C PRO C 182 10.14 14.25 -11.73
N GLU C 183 11.18 13.48 -11.39
CA GLU C 183 12.43 14.08 -11.00
C GLU C 183 13.62 13.13 -11.16
N ILE C 184 14.72 13.65 -11.71
CA ILE C 184 15.93 12.86 -11.89
C ILE C 184 16.93 13.33 -10.84
N LEU C 185 17.33 12.41 -9.97
CA LEU C 185 18.27 12.74 -8.90
C LEU C 185 19.72 12.45 -9.28
N LYS C 186 19.95 11.45 -10.12
CA LYS C 186 21.31 11.14 -10.51
C LYS C 186 21.35 10.13 -11.64
N LYS C 187 22.29 10.34 -12.58
CA LYS C 187 22.44 9.44 -13.71
C LYS C 187 23.87 8.91 -13.69
N SER C 188 24.06 7.69 -14.19
CA SER C 188 25.37 7.03 -14.18
C SER C 188 26.34 7.40 -15.30
N LEU C 189 25.82 8.01 -16.37
CA LEU C 189 26.65 8.36 -17.52
C LEU C 189 26.32 9.78 -17.92
N HIS C 190 27.32 10.59 -18.19
CA HIS C 190 27.06 11.97 -18.57
C HIS C 190 27.65 12.30 -19.92
N SER C 191 28.32 11.33 -20.52
CA SER C 191 28.95 11.56 -21.80
C SER C 191 28.94 10.32 -22.68
N CYS C 192 28.72 10.53 -23.97
CA CYS C 192 28.71 9.41 -24.90
C CYS C 192 28.98 9.85 -26.35
N SER C 193 29.56 8.94 -27.12
CA SER C 193 29.87 9.21 -28.51
C SER C 193 28.58 9.61 -29.20
N VAL C 194 28.70 10.23 -30.37
CA VAL C 194 27.54 10.67 -31.14
C VAL C 194 26.62 9.53 -31.56
N LYS C 195 27.16 8.36 -31.82
CA LYS C 195 26.29 7.27 -32.23
C LYS C 195 25.43 6.78 -31.07
N GLY C 196 25.85 7.08 -29.86
CA GLY C 196 25.11 6.67 -28.68
C GLY C 196 25.01 5.17 -28.52
N GLU C 197 23.90 4.71 -27.93
CA GLU C 197 23.61 3.30 -27.69
C GLU C 197 24.04 2.77 -26.33
N GLU C 198 24.76 3.58 -25.57
CA GLU C 198 25.20 3.18 -24.23
C GLU C 198 24.05 3.45 -23.27
N GLU C 199 23.90 2.58 -22.27
CA GLU C 199 22.82 2.73 -21.30
C GLU C 199 23.14 3.71 -20.19
N VAL C 200 22.09 4.31 -19.65
CA VAL C 200 22.21 5.31 -18.58
C VAL C 200 21.23 5.01 -17.47
N PHE C 201 21.74 4.74 -16.28
CA PHE C 201 20.86 4.48 -15.16
C PHE C 201 20.37 5.80 -14.57
N LEU C 202 19.06 5.93 -14.45
CA LEU C 202 18.47 7.13 -13.88
C LEU C 202 17.76 6.80 -12.58
N ILE C 203 18.14 7.45 -11.50
CA ILE C 203 17.44 7.22 -10.26
C ILE C 203 16.86 8.56 -9.83
N GLY C 204 15.59 8.54 -9.51
CA GLY C 204 14.88 9.74 -9.09
C GLY C 204 13.56 9.31 -8.47
N LYS C 205 12.47 9.92 -8.92
CA LYS C 205 11.19 9.57 -8.35
C LYS C 205 10.01 9.93 -9.22
N ASN C 206 8.92 9.21 -9.02
CA ASN C 206 7.67 9.43 -9.74
C ASN C 206 7.71 9.17 -11.22
N PHE C 207 8.28 8.03 -11.59
CA PHE C 207 8.33 7.64 -12.99
C PHE C 207 7.10 6.78 -13.19
N LEU C 208 6.03 7.45 -13.60
CA LEU C 208 4.74 6.82 -13.81
C LEU C 208 4.65 5.97 -15.08
N LYS C 209 3.50 5.35 -15.27
CA LYS C 209 3.27 4.48 -16.40
C LYS C 209 3.53 5.14 -17.76
N GLY C 210 3.13 6.40 -17.92
CA GLY C 210 3.35 7.05 -19.20
C GLY C 210 4.57 7.94 -19.33
N THR C 211 5.63 7.61 -18.60
CA THR C 211 6.85 8.43 -18.63
C THR C 211 7.75 8.21 -19.82
N LYS C 212 8.37 9.30 -20.27
CA LYS C 212 9.29 9.25 -21.38
C LYS C 212 10.56 10.05 -21.03
N VAL C 213 11.70 9.49 -21.43
CA VAL C 213 13.02 10.12 -21.21
C VAL C 213 13.36 10.89 -22.48
N ILE C 214 13.56 12.19 -22.35
CA ILE C 214 13.85 13.00 -23.53
C ILE C 214 15.23 13.65 -23.55
N PHE C 215 15.99 13.36 -24.61
CA PHE C 215 17.31 13.93 -24.84
C PHE C 215 17.09 15.14 -25.76
N GLN C 216 17.50 16.32 -25.30
CA GLN C 216 17.30 17.55 -26.07
C GLN C 216 18.55 18.42 -26.13
N GLU C 217 18.63 19.32 -27.12
CA GLU C 217 19.79 20.22 -27.24
C GLU C 217 19.72 21.38 -26.25
N ASN C 218 18.60 22.09 -26.23
CA ASN C 218 18.43 23.23 -25.33
C ASN C 218 17.03 23.29 -24.69
N VAL C 219 16.54 24.50 -24.46
CA VAL C 219 15.22 24.70 -23.86
C VAL C 219 14.37 25.49 -24.88
N SER C 220 14.36 24.98 -26.11
CA SER C 220 13.62 25.60 -27.20
C SER C 220 12.30 24.87 -27.43
N ASP C 221 11.30 25.24 -26.61
CA ASP C 221 9.96 24.68 -26.64
C ASP C 221 9.52 24.29 -28.05
N GLU C 222 9.84 25.13 -29.02
CA GLU C 222 9.45 24.91 -30.41
C GLU C 222 10.22 23.83 -31.17
N ASN C 223 11.51 23.70 -30.91
CA ASN C 223 12.32 22.67 -31.56
C ASN C 223 13.80 23.01 -31.54
N SER C 224 14.57 22.18 -30.84
CA SER C 224 16.01 22.34 -30.75
C SER C 224 16.49 20.91 -30.71
N TRP C 225 15.80 20.07 -31.48
CA TRP C 225 16.07 18.65 -31.55
C TRP C 225 15.89 17.96 -30.21
N LYS C 226 14.91 17.08 -30.16
CA LYS C 226 14.59 16.32 -28.97
C LYS C 226 14.51 14.88 -29.44
N SER C 227 14.53 13.94 -28.51
CA SER C 227 14.41 12.54 -28.89
C SER C 227 14.14 11.64 -27.70
N GLU C 228 13.18 10.74 -27.87
CA GLU C 228 12.81 9.83 -26.81
C GLU C 228 13.85 8.71 -26.74
N ALA C 229 14.44 8.52 -25.58
CA ALA C 229 15.42 7.46 -25.40
C ALA C 229 14.64 6.19 -25.09
N GLU C 230 15.08 5.06 -25.61
CA GLU C 230 14.36 3.83 -25.35
C GLU C 230 14.51 3.41 -23.88
N ILE C 231 13.39 3.03 -23.26
CA ILE C 231 13.42 2.61 -21.87
C ILE C 231 13.35 1.10 -21.77
N ASP C 232 14.05 0.55 -20.78
CA ASP C 232 14.03 -0.88 -20.55
C ASP C 232 12.80 -1.15 -19.70
N MET C 233 11.87 -1.94 -20.22
CA MET C 233 10.66 -2.23 -19.48
C MET C 233 10.83 -3.34 -18.44
N GLU C 234 11.67 -4.31 -18.75
CA GLU C 234 11.92 -5.41 -17.83
C GLU C 234 12.49 -4.95 -16.48
N LEU C 235 12.67 -3.64 -16.30
CA LEU C 235 13.22 -3.14 -15.05
C LEU C 235 12.70 -1.76 -14.75
N PHE C 236 11.52 -1.45 -15.27
CA PHE C 236 10.93 -0.16 -15.02
C PHE C 236 10.62 -0.06 -13.53
N HIS C 237 10.70 1.15 -12.98
CA HIS C 237 10.40 1.38 -11.58
C HIS C 237 10.10 2.85 -11.35
N GLN C 238 9.17 3.12 -10.45
CA GLN C 238 8.79 4.48 -10.16
C GLN C 238 9.96 5.36 -9.74
N ASN C 239 10.98 4.74 -9.14
CA ASN C 239 12.15 5.51 -8.67
C ASN C 239 13.41 5.39 -9.49
N HIS C 240 13.47 4.44 -10.41
CA HIS C 240 14.65 4.28 -11.23
C HIS C 240 14.31 3.70 -12.58
N LEU C 241 15.14 3.95 -13.59
CA LEU C 241 14.89 3.40 -14.91
C LEU C 241 16.14 3.39 -15.80
N ILE C 242 16.25 2.36 -16.64
CA ILE C 242 17.41 2.23 -17.52
C ILE C 242 17.07 2.54 -18.98
N VAL C 243 17.68 3.60 -19.50
CA VAL C 243 17.45 4.01 -20.89
C VAL C 243 18.72 3.94 -21.75
N LYS C 244 18.56 3.73 -23.05
CA LYS C 244 19.70 3.69 -23.94
C LYS C 244 19.87 5.05 -24.57
N VAL C 245 21.11 5.51 -24.68
CA VAL C 245 21.37 6.82 -25.26
C VAL C 245 21.01 6.88 -26.73
N PRO C 246 20.09 7.77 -27.09
CA PRO C 246 19.68 7.93 -28.50
C PRO C 246 20.82 8.55 -29.30
N PRO C 247 21.05 8.05 -30.53
CA PRO C 247 22.12 8.62 -31.34
C PRO C 247 21.80 10.06 -31.76
N TYR C 248 22.82 10.90 -31.78
CA TYR C 248 22.68 12.31 -32.13
C TYR C 248 22.37 12.54 -33.60
N HIS C 249 21.68 13.64 -33.88
CA HIS C 249 21.27 14.01 -35.23
C HIS C 249 22.40 14.33 -36.22
N ASP C 250 23.55 14.73 -35.70
CA ASP C 250 24.68 15.06 -36.57
C ASP C 250 25.86 14.11 -36.35
N GLN C 251 25.80 12.95 -36.99
CA GLN C 251 26.87 11.96 -36.86
C GLN C 251 28.25 12.52 -37.17
N HIS C 252 28.32 13.73 -37.71
CA HIS C 252 29.61 14.30 -38.06
C HIS C 252 30.02 15.60 -37.37
N ILE C 253 29.72 15.72 -36.08
CA ILE C 253 30.12 16.93 -35.36
C ILE C 253 31.63 16.89 -35.19
N THR C 254 32.25 18.06 -35.18
CA THR C 254 33.69 18.14 -35.02
C THR C 254 34.01 18.39 -33.55
N LEU C 255 33.05 18.97 -32.86
CA LEU C 255 33.23 19.28 -31.44
C LEU C 255 32.13 18.73 -30.54
N PRO C 256 32.47 18.45 -29.27
CA PRO C 256 31.53 17.91 -28.28
C PRO C 256 30.35 18.84 -28.08
N VAL C 257 29.15 18.27 -28.17
CA VAL C 257 27.92 19.04 -28.00
C VAL C 257 27.27 18.72 -26.66
N SER C 258 26.93 19.74 -25.89
CA SER C 258 26.30 19.53 -24.60
C SER C 258 24.78 19.61 -24.76
N VAL C 259 24.09 18.57 -24.33
CA VAL C 259 22.65 18.53 -24.45
C VAL C 259 22.01 18.23 -23.10
N GLY C 260 20.69 18.36 -23.03
CA GLY C 260 19.97 18.11 -21.80
C GLY C 260 19.03 16.93 -21.82
N ILE C 261 18.78 16.38 -20.65
CA ILE C 261 17.88 15.26 -20.50
C ILE C 261 16.86 15.61 -19.45
N TYR C 262 15.61 15.24 -19.70
CA TYR C 262 14.55 15.46 -18.74
C TYR C 262 13.48 14.42 -19.02
N VAL C 263 12.62 14.19 -18.03
CA VAL C 263 11.59 13.21 -18.21
C VAL C 263 10.18 13.77 -18.16
N VAL C 264 9.32 13.16 -18.97
CA VAL C 264 7.92 13.54 -19.04
C VAL C 264 7.11 12.40 -18.47
N THR C 265 6.18 12.75 -17.60
CA THR C 265 5.31 11.78 -16.97
C THR C 265 3.90 12.19 -17.36
N ASN C 266 3.02 11.21 -17.51
CA ASN C 266 1.64 11.49 -17.89
C ASN C 266 1.06 12.63 -17.05
N ALA C 267 1.80 13.05 -16.02
CA ALA C 267 1.36 14.13 -15.14
C ALA C 267 2.18 15.41 -15.29
N GLY C 268 3.39 15.29 -15.85
CA GLY C 268 4.22 16.47 -16.00
C GLY C 268 5.62 16.24 -16.55
N ARG C 269 6.49 17.23 -16.37
CA ARG C 269 7.88 17.16 -16.84
C ARG C 269 8.90 17.51 -15.76
N SER C 270 9.92 16.65 -15.59
CA SER C 270 10.95 16.92 -14.60
C SER C 270 11.58 18.26 -14.92
N HIS C 271 11.08 19.33 -14.31
CA HIS C 271 11.59 20.67 -14.59
C HIS C 271 13.12 20.82 -14.48
N ASP C 272 13.75 20.01 -13.63
CA ASP C 272 15.21 20.10 -13.49
C ASP C 272 15.88 19.26 -14.59
N VAL C 273 16.71 19.91 -15.42
CA VAL C 273 17.38 19.20 -16.50
C VAL C 273 18.80 18.73 -16.21
N GLN C 274 19.10 17.52 -16.68
CA GLN C 274 20.40 16.90 -16.52
C GLN C 274 21.24 17.18 -17.77
N PRO C 275 22.56 17.43 -17.58
CA PRO C 275 23.49 17.70 -18.67
C PRO C 275 24.05 16.42 -19.25
N PHE C 276 24.22 16.36 -20.56
CA PHE C 276 24.80 15.17 -21.16
C PHE C 276 25.61 15.62 -22.37
N THR C 277 26.84 15.13 -22.47
CA THR C 277 27.68 15.53 -23.58
C THR C 277 27.88 14.48 -24.65
N TYR C 278 27.54 14.86 -25.88
CA TYR C 278 27.72 14.00 -27.04
C TYR C 278 29.14 14.31 -27.56
N THR C 279 29.88 13.26 -27.88
CA THR C 279 31.23 13.45 -28.38
C THR C 279 31.44 12.83 -29.75
N PRO C 280 32.26 13.47 -30.60
CA PRO C 280 32.57 13.02 -31.96
C PRO C 280 32.95 11.54 -32.08
N ASP C 281 32.65 10.97 -33.24
CA ASP C 281 32.93 9.56 -33.52
C ASP C 281 34.41 9.29 -33.79
N LYS D 1 -18.09 -29.03 22.07
CA LYS D 1 -17.31 -28.29 23.11
C LYS D 1 -18.24 -27.68 24.15
N LYS D 2 -17.84 -27.74 25.42
CA LYS D 2 -18.62 -27.20 26.53
C LYS D 2 -18.51 -25.67 26.54
N SER D 3 -17.48 -25.16 25.88
CA SER D 3 -17.18 -23.73 25.75
C SER D 3 -16.66 -23.02 26.99
N PRO D 4 -15.83 -23.71 27.81
CA PRO D 4 -15.27 -23.06 29.00
C PRO D 4 -14.51 -21.79 28.58
N MET D 5 -14.66 -20.70 29.32
CA MET D 5 -13.99 -19.46 28.96
C MET D 5 -12.55 -19.67 28.53
N LEU D 6 -12.24 -19.12 27.36
CA LEU D 6 -10.91 -19.23 26.77
C LEU D 6 -9.78 -18.71 27.65
N CYS D 7 -10.11 -17.75 28.52
CA CYS D 7 -9.12 -17.15 29.42
C CYS D 7 -8.77 -17.91 30.70
N GLY D 8 -9.58 -18.90 31.08
CA GLY D 8 -9.29 -19.62 32.31
C GLY D 8 -7.95 -20.36 32.38
N GLN D 9 -7.48 -20.63 33.59
CA GLN D 9 -6.23 -21.35 33.80
C GLN D 9 -6.53 -22.83 33.72
N TYR D 10 -5.82 -23.57 32.86
CA TYR D 10 -6.06 -25.00 32.74
C TYR D 10 -4.75 -25.74 32.70
N PRO D 11 -4.73 -27.00 33.16
CA PRO D 11 -3.51 -27.80 33.16
C PRO D 11 -3.32 -28.59 31.86
N VAL D 12 -2.09 -29.06 31.65
CA VAL D 12 -1.78 -29.84 30.47
C VAL D 12 -2.28 -31.26 30.73
N LYS D 13 -1.98 -31.78 31.92
CA LYS D 13 -2.40 -33.12 32.31
C LYS D 13 -3.18 -33.07 33.60
N SER D 14 -3.97 -34.11 33.84
CA SER D 14 -4.78 -34.24 35.03
C SER D 14 -5.68 -35.46 34.93
N GLU D 15 -6.00 -36.05 36.08
CA GLU D 15 -6.88 -37.21 36.14
C GLU D 15 -6.39 -38.30 35.20
N GLY D 16 -5.06 -38.46 35.17
CA GLY D 16 -4.42 -39.46 34.34
C GLY D 16 -4.51 -39.21 32.85
N LYS D 17 -4.62 -37.94 32.47
CA LYS D 17 -4.72 -37.59 31.05
C LYS D 17 -3.80 -36.43 30.71
N GLU D 18 -3.09 -36.53 29.59
CA GLU D 18 -2.22 -35.46 29.16
C GLU D 18 -2.49 -35.10 27.71
N LEU D 19 -2.42 -33.80 27.42
CA LEU D 19 -2.59 -33.31 26.05
C LEU D 19 -1.24 -32.73 25.71
N LYS D 20 -0.41 -33.51 25.03
CA LYS D 20 0.93 -33.04 24.70
C LYS D 20 1.16 -32.72 23.24
N ILE D 21 2.04 -31.76 23.00
CA ILE D 21 2.41 -31.35 21.66
C ILE D 21 3.63 -32.18 21.27
N VAL D 22 3.41 -33.16 20.41
CA VAL D 22 4.49 -34.02 19.95
C VAL D 22 5.41 -33.25 18.99
N VAL D 23 4.82 -32.54 18.05
CA VAL D 23 5.59 -31.77 17.08
C VAL D 23 5.22 -30.29 17.04
N GLN D 24 6.08 -29.47 17.63
CA GLN D 24 5.90 -28.03 17.67
C GLN D 24 5.79 -27.42 16.28
N PRO D 25 5.06 -26.30 16.15
CA PRO D 25 4.89 -25.63 14.86
C PRO D 25 6.17 -24.86 14.53
N GLU D 26 6.30 -24.47 13.26
CA GLU D 26 7.46 -23.72 12.78
C GLU D 26 7.67 -22.49 13.66
N THR D 27 8.89 -21.95 13.70
CA THR D 27 9.12 -20.77 14.51
C THR D 27 8.55 -19.55 13.83
N GLN D 28 8.20 -19.69 12.55
CA GLN D 28 7.64 -18.59 11.78
C GLN D 28 6.64 -19.05 10.73
N HIS D 29 5.56 -18.30 10.63
CA HIS D 29 4.49 -18.56 9.68
C HIS D 29 3.88 -17.22 9.30
N ARG D 30 3.94 -16.88 8.03
CA ARG D 30 3.41 -15.60 7.57
C ARG D 30 1.89 -15.54 7.59
N ALA D 31 1.36 -14.74 8.50
CA ALA D 31 -0.09 -14.59 8.59
C ALA D 31 -0.58 -13.93 7.30
N ARG D 32 -1.83 -14.17 6.93
CA ARG D 32 -2.36 -13.55 5.73
C ARG D 32 -3.66 -12.88 6.08
N TYR D 33 -3.98 -11.84 5.32
CA TYR D 33 -5.19 -11.06 5.53
C TYR D 33 -6.38 -11.89 5.11
N LEU D 34 -7.59 -11.56 5.55
CA LEU D 34 -8.73 -12.35 5.13
C LEU D 34 -9.01 -12.14 3.67
N THR D 35 -8.75 -10.94 3.16
CA THR D 35 -9.00 -10.68 1.74
C THR D 35 -8.05 -11.52 0.90
N GLU D 36 -6.92 -11.90 1.51
CA GLU D 36 -5.90 -12.69 0.83
C GLU D 36 -6.45 -14.04 0.38
N GLY D 37 -6.21 -14.38 -0.88
CA GLY D 37 -6.68 -15.63 -1.40
C GLY D 37 -5.87 -16.82 -0.89
N SER D 38 -4.56 -16.64 -0.73
CA SER D 38 -3.68 -17.70 -0.26
C SER D 38 -3.96 -18.17 1.17
N ARG D 39 -4.07 -19.49 1.37
CA ARG D 39 -4.36 -20.05 2.70
C ARG D 39 -3.47 -21.21 3.12
N GLY D 40 -2.23 -20.98 3.55
CA GLY D 40 -1.48 -22.16 3.96
C GLY D 40 -1.62 -22.50 5.43
N SER D 41 -1.58 -23.80 5.73
CA SER D 41 -1.66 -24.27 7.11
C SER D 41 -0.31 -23.97 7.76
N VAL D 42 -0.24 -24.13 9.08
CA VAL D 42 0.99 -23.89 9.79
C VAL D 42 1.74 -25.22 9.75
N LYS D 43 2.97 -25.16 9.24
CA LYS D 43 3.78 -26.37 9.12
C LYS D 43 4.50 -26.62 10.43
N ASP D 44 5.42 -27.59 10.43
CA ASP D 44 6.22 -27.89 11.61
C ASP D 44 7.59 -27.28 11.35
N ARG D 45 8.59 -27.64 12.14
CA ARG D 45 9.91 -27.06 11.94
C ARG D 45 10.72 -27.64 10.76
N THR D 46 10.33 -28.79 10.23
CA THR D 46 11.02 -29.34 9.08
C THR D 46 10.33 -28.94 7.80
N GLN D 47 9.24 -28.19 7.93
CA GLN D 47 8.47 -27.75 6.77
C GLN D 47 7.91 -28.95 6.01
N GLN D 48 8.15 -30.16 6.51
CA GLN D 48 7.67 -31.36 5.82
C GLN D 48 6.43 -32.05 6.42
N GLY D 49 5.90 -31.44 7.47
CA GLY D 49 4.72 -31.98 8.11
C GLY D 49 3.97 -30.87 8.81
N PHE D 50 3.27 -31.23 9.88
CA PHE D 50 2.50 -30.24 10.62
C PHE D 50 2.62 -30.38 12.12
N PRO D 51 2.28 -29.32 12.88
CA PRO D 51 2.39 -29.47 14.32
C PRO D 51 1.49 -30.63 14.71
N THR D 52 1.99 -31.50 15.57
CA THR D 52 1.22 -32.67 15.98
C THR D 52 0.95 -32.74 17.48
N VAL D 53 -0.31 -32.90 17.83
CA VAL D 53 -0.69 -33.00 19.23
C VAL D 53 -1.22 -34.40 19.52
N LYS D 54 -0.93 -34.88 20.72
CA LYS D 54 -1.37 -36.21 21.14
C LYS D 54 -2.08 -36.19 22.48
N LEU D 55 -3.10 -37.03 22.62
CA LEU D 55 -3.87 -37.14 23.86
C LEU D 55 -3.71 -38.51 24.52
N GLU D 56 -2.76 -38.61 25.44
CA GLU D 56 -2.49 -39.84 26.16
C GLU D 56 -3.38 -39.92 27.40
N GLY D 57 -3.66 -41.13 27.87
CA GLY D 57 -4.49 -41.30 29.06
C GLY D 57 -5.98 -41.18 28.77
N HIS D 58 -6.38 -41.64 27.59
CA HIS D 58 -7.78 -41.59 27.20
C HIS D 58 -7.86 -42.21 25.81
N ASN D 59 -8.94 -42.92 25.54
CA ASN D 59 -9.09 -43.59 24.25
C ASN D 59 -10.47 -43.51 23.60
N GLU D 60 -11.12 -42.35 23.69
CA GLU D 60 -12.43 -42.18 23.08
C GLU D 60 -12.38 -41.01 22.10
N PRO D 61 -13.40 -40.88 21.24
CA PRO D 61 -13.36 -39.76 20.31
C PRO D 61 -13.61 -38.47 21.09
N VAL D 62 -12.75 -37.47 20.90
CA VAL D 62 -12.88 -36.19 21.58
C VAL D 62 -12.46 -35.04 20.67
N VAL D 63 -13.31 -34.02 20.55
CA VAL D 63 -13.00 -32.89 19.69
C VAL D 63 -11.84 -32.07 20.24
N LEU D 64 -10.89 -31.78 19.38
CA LEU D 64 -9.73 -30.99 19.74
C LEU D 64 -9.98 -29.57 19.28
N GLN D 65 -9.77 -28.61 20.15
CA GLN D 65 -9.97 -27.22 19.79
C GLN D 65 -8.64 -26.50 19.60
N VAL D 66 -8.60 -25.59 18.62
CA VAL D 66 -7.40 -24.84 18.36
C VAL D 66 -7.74 -23.39 18.11
N PHE D 67 -6.91 -22.50 18.63
CA PHE D 67 -7.10 -21.08 18.43
C PHE D 67 -5.77 -20.38 18.68
N VAL D 68 -5.60 -19.21 18.07
CA VAL D 68 -4.39 -18.43 18.19
C VAL D 68 -4.40 -17.55 19.43
N GLY D 69 -3.42 -17.77 20.30
CA GLY D 69 -3.36 -16.97 21.50
C GLY D 69 -2.11 -16.12 21.54
N ASN D 70 -1.99 -15.29 22.59
CA ASN D 70 -0.81 -14.45 22.78
C ASN D 70 0.45 -15.30 22.73
N ASP D 71 1.59 -14.63 22.61
CA ASP D 71 2.88 -15.33 22.50
C ASP D 71 3.45 -15.85 23.80
N SER D 72 2.98 -15.35 24.92
CA SER D 72 3.52 -15.81 26.19
C SER D 72 2.71 -15.35 27.39
N GLY D 73 2.97 -16.00 28.52
CA GLY D 73 2.27 -15.65 29.73
C GLY D 73 1.01 -16.47 29.91
N ARG D 74 0.01 -15.89 30.57
CA ARG D 74 -1.24 -16.60 30.77
C ARG D 74 -1.96 -16.57 29.44
N VAL D 75 -2.29 -17.75 28.94
CA VAL D 75 -2.96 -17.90 27.67
C VAL D 75 -4.22 -17.08 27.52
N LYS D 76 -4.20 -16.18 26.54
CA LYS D 76 -5.35 -15.33 26.20
C LYS D 76 -5.37 -15.36 24.69
N PRO D 77 -6.57 -15.35 24.09
CA PRO D 77 -6.53 -15.38 22.63
C PRO D 77 -5.85 -14.12 22.11
N HIS D 78 -4.95 -14.26 21.15
CA HIS D 78 -4.24 -13.11 20.59
C HIS D 78 -5.24 -12.04 20.13
N GLY D 79 -4.85 -10.77 20.23
CA GLY D 79 -5.79 -9.75 19.85
C GLY D 79 -5.68 -9.29 18.41
N PHE D 80 -4.55 -9.59 17.77
CA PHE D 80 -4.34 -9.19 16.38
C PHE D 80 -4.42 -10.33 15.37
N TYR D 81 -4.51 -11.56 15.86
CA TYR D 81 -4.58 -12.71 14.99
C TYR D 81 -5.78 -13.57 15.30
N GLN D 82 -6.31 -14.22 14.28
CA GLN D 82 -7.44 -15.12 14.43
C GLN D 82 -7.09 -16.43 13.74
N ALA D 83 -7.43 -17.56 14.34
CA ALA D 83 -7.14 -18.84 13.68
C ALA D 83 -8.13 -18.99 12.52
N CYS D 84 -7.78 -19.79 11.52
CA CYS D 84 -8.68 -20.01 10.38
C CYS D 84 -8.48 -21.40 9.79
N ARG D 85 -9.54 -21.93 9.20
CA ARG D 85 -9.46 -23.25 8.60
C ARG D 85 -8.81 -23.21 7.22
N VAL D 86 -8.13 -24.28 6.87
CA VAL D 86 -7.46 -24.41 5.58
C VAL D 86 -7.99 -25.67 4.92
N THR D 87 -8.77 -25.51 3.85
CA THR D 87 -9.33 -26.67 3.15
C THR D 87 -8.37 -27.21 2.09
N GLY D 88 -8.46 -28.51 1.84
CA GLY D 88 -7.61 -29.15 0.85
C GLY D 88 -8.00 -30.61 0.66
N ARG D 89 -7.85 -31.10 -0.56
CA ARG D 89 -8.19 -32.48 -0.89
C ARG D 89 -7.29 -33.50 -0.19
N ASN D 90 -6.68 -33.09 0.92
CA ASN D 90 -5.79 -33.97 1.67
C ASN D 90 -5.71 -33.50 3.13
N THR D 91 -6.25 -32.31 3.40
CA THR D 91 -6.24 -31.75 4.74
C THR D 91 -7.37 -32.33 5.59
N THR D 92 -7.14 -32.40 6.91
CA THR D 92 -8.13 -32.91 7.85
C THR D 92 -9.33 -31.97 7.90
N PRO D 93 -10.56 -32.53 7.88
CA PRO D 93 -11.79 -31.73 7.93
C PRO D 93 -11.99 -31.11 9.29
N CYS D 94 -12.67 -29.98 9.35
CA CYS D 94 -12.89 -29.30 10.61
C CYS D 94 -13.96 -28.22 10.51
N LYS D 95 -14.47 -27.80 11.67
CA LYS D 95 -15.49 -26.77 11.74
C LYS D 95 -14.85 -25.48 12.22
N GLU D 96 -15.48 -24.34 11.94
CA GLU D 96 -14.96 -23.07 12.37
C GLU D 96 -16.02 -22.39 13.25
N VAL D 97 -15.89 -22.52 14.56
CA VAL D 97 -16.84 -21.92 15.48
C VAL D 97 -16.27 -20.65 16.13
N ASP D 98 -17.16 -19.79 16.64
CA ASP D 98 -16.75 -18.54 17.28
C ASP D 98 -17.06 -18.56 18.78
N ILE D 99 -16.04 -18.30 19.60
CA ILE D 99 -16.20 -18.30 21.05
C ILE D 99 -15.69 -16.99 21.63
N GLU D 100 -16.53 -16.31 22.40
CA GLU D 100 -16.13 -15.05 23.00
C GLU D 100 -15.55 -14.12 21.95
N GLY D 101 -16.06 -14.21 20.73
CA GLY D 101 -15.57 -13.35 19.67
C GLY D 101 -14.31 -13.81 18.96
N THR D 102 -13.65 -14.84 19.45
CA THR D 102 -12.46 -15.32 18.79
C THR D 102 -12.81 -16.60 18.06
N THR D 103 -12.14 -16.83 16.94
CA THR D 103 -12.41 -17.98 16.11
C THR D 103 -11.67 -19.18 16.62
N VAL D 104 -12.37 -20.29 16.77
CA VAL D 104 -11.76 -21.51 17.24
C VAL D 104 -11.97 -22.63 16.21
N ILE D 105 -10.93 -23.40 15.94
CA ILE D 105 -11.05 -24.48 14.96
C ILE D 105 -11.18 -25.82 15.65
N GLU D 106 -12.27 -26.53 15.36
CA GLU D 106 -12.52 -27.83 15.95
C GLU D 106 -12.14 -28.98 15.03
N VAL D 107 -11.18 -29.78 15.45
CA VAL D 107 -10.75 -30.93 14.68
C VAL D 107 -11.15 -32.14 15.54
N GLY D 108 -11.09 -33.34 14.97
CA GLY D 108 -11.48 -34.51 15.73
C GLY D 108 -10.33 -35.43 16.07
N LEU D 109 -10.02 -35.54 17.36
CA LEU D 109 -8.95 -36.41 17.82
C LEU D 109 -9.60 -37.79 17.96
N ASP D 110 -8.93 -38.85 17.51
CA ASP D 110 -9.54 -40.17 17.59
C ASP D 110 -8.61 -41.34 17.94
N PRO D 111 -9.17 -42.40 18.56
CA PRO D 111 -8.38 -43.58 18.94
C PRO D 111 -8.02 -44.44 17.73
N SER D 112 -8.83 -44.35 16.67
CA SER D 112 -8.57 -45.10 15.45
C SER D 112 -7.18 -44.74 14.94
N ASN D 113 -6.62 -43.66 15.49
CA ASN D 113 -5.28 -43.19 15.14
C ASN D 113 -4.51 -42.95 16.42
N ASN D 114 -4.80 -43.78 17.43
CA ASN D 114 -4.16 -43.72 18.74
C ASN D 114 -4.17 -42.34 19.38
N MET D 115 -5.30 -41.64 19.27
CA MET D 115 -5.47 -40.30 19.85
C MET D 115 -4.37 -39.32 19.44
N THR D 116 -4.05 -39.31 18.16
CA THR D 116 -3.03 -38.42 17.63
C THR D 116 -3.53 -37.82 16.33
N LEU D 117 -3.08 -36.60 16.04
CA LEU D 117 -3.49 -35.91 14.82
C LEU D 117 -2.47 -34.83 14.47
N ALA D 118 -2.14 -34.75 13.18
CA ALA D 118 -1.20 -33.75 12.70
C ALA D 118 -2.03 -32.61 12.15
N VAL D 119 -2.27 -31.61 12.98
CA VAL D 119 -3.08 -30.48 12.57
C VAL D 119 -2.52 -29.84 11.31
N ASP D 120 -3.17 -30.14 10.20
CA ASP D 120 -2.77 -29.61 8.90
C ASP D 120 -3.87 -28.75 8.33
N CYS D 121 -4.86 -28.41 9.15
CA CYS D 121 -5.98 -27.60 8.68
C CYS D 121 -6.12 -26.24 9.35
N VAL D 122 -5.05 -25.75 9.97
CA VAL D 122 -5.12 -24.46 10.63
C VAL D 122 -4.15 -23.39 10.10
N GLY D 123 -4.72 -22.25 9.74
CA GLY D 123 -3.91 -21.15 9.24
C GLY D 123 -4.09 -20.00 10.19
N ILE D 124 -3.30 -18.94 10.03
CA ILE D 124 -3.41 -17.78 10.89
C ILE D 124 -3.80 -16.56 10.08
N LEU D 125 -4.85 -15.88 10.51
CA LEU D 125 -5.32 -14.67 9.84
C LEU D 125 -4.90 -13.41 10.59
N LYS D 126 -4.30 -12.47 9.86
CA LYS D 126 -3.87 -11.21 10.44
C LYS D 126 -5.04 -10.27 10.44
N LEU D 127 -5.31 -9.64 11.57
CA LEU D 127 -6.39 -8.69 11.69
C LEU D 127 -5.85 -7.33 11.38
N ARG D 128 -6.60 -6.66 10.52
CA ARG D 128 -6.29 -5.30 10.15
C ARG D 128 -6.69 -4.33 11.24
N ASN D 129 -5.82 -3.36 11.49
CA ASN D 129 -6.04 -2.37 12.52
C ASN D 129 -7.52 -2.15 12.84
N ALA D 130 -8.31 -1.82 11.82
CA ALA D 130 -9.75 -1.56 12.02
C ALA D 130 -10.51 -2.73 12.64
N ASP D 131 -10.05 -3.96 12.42
CA ASP D 131 -10.69 -5.09 13.01
C ASP D 131 -10.32 -5.24 14.46
N VAL D 132 -9.03 -4.98 14.70
CA VAL D 132 -8.49 -5.06 16.05
C VAL D 132 -9.11 -4.01 16.94
N GLU D 133 -9.66 -2.97 16.33
CA GLU D 133 -10.29 -1.92 17.11
C GLU D 133 -11.58 -2.46 17.69
N ALA D 134 -12.43 -2.97 16.82
CA ALA D 134 -13.72 -3.50 17.24
C ALA D 134 -13.60 -4.71 18.16
N ARG D 135 -12.44 -5.36 18.17
CA ARG D 135 -12.29 -6.56 19.00
C ARG D 135 -11.65 -6.37 20.36
N ILE D 136 -10.48 -5.73 20.40
CA ILE D 136 -9.78 -5.57 21.65
C ILE D 136 -9.59 -4.12 22.13
N GLY D 137 -10.36 -3.19 21.59
CA GLY D 137 -10.23 -1.80 22.03
C GLY D 137 -9.22 -0.98 21.26
N ILE D 138 -9.54 0.30 21.08
CA ILE D 138 -8.72 1.26 20.34
C ILE D 138 -7.30 1.46 20.88
N ALA D 139 -7.15 1.65 22.19
CA ALA D 139 -5.82 1.84 22.74
C ALA D 139 -5.07 0.52 22.69
N GLY D 140 -5.81 -0.57 22.80
CA GLY D 140 -5.19 -1.88 22.74
C GLY D 140 -4.60 -2.13 21.36
N SER D 141 -5.34 -1.72 20.32
CA SER D 141 -4.89 -1.91 18.95
C SER D 141 -3.64 -1.09 18.62
N LYS D 142 -3.00 -0.58 19.66
CA LYS D 142 -1.78 0.20 19.50
C LYS D 142 -0.64 -0.65 20.04
N LYS D 143 -0.92 -1.39 21.11
CA LYS D 143 0.09 -2.26 21.70
C LYS D 143 0.22 -3.49 20.81
N LYS D 144 1.08 -3.36 19.82
CA LYS D 144 1.31 -4.39 18.83
C LYS D 144 2.15 -5.62 19.20
N SER D 145 1.61 -6.80 18.88
CA SER D 145 2.33 -8.06 19.06
C SER D 145 2.27 -8.77 17.70
N THR D 146 3.41 -9.31 17.27
CA THR D 146 3.47 -10.03 16.00
C THR D 146 3.83 -11.50 16.25
N ARG D 147 3.77 -11.90 17.51
CA ARG D 147 4.05 -13.26 17.89
C ARG D 147 2.81 -13.88 18.49
N ALA D 148 2.60 -15.18 18.26
CA ALA D 148 1.44 -15.86 18.79
C ALA D 148 1.72 -17.34 18.99
N ARG D 149 0.90 -17.99 19.80
CA ARG D 149 1.04 -19.43 20.03
C ARG D 149 -0.21 -20.15 19.58
N LEU D 150 -0.04 -21.36 19.05
CA LEU D 150 -1.20 -22.16 18.66
C LEU D 150 -1.71 -22.75 19.98
N VAL D 151 -2.95 -22.46 20.36
CA VAL D 151 -3.47 -22.98 21.62
C VAL D 151 -4.38 -24.18 21.42
N PHE D 152 -3.94 -25.34 21.92
CA PHE D 152 -4.67 -26.59 21.82
C PHE D 152 -5.38 -26.91 23.14
N ARG D 153 -6.54 -27.54 23.08
CA ARG D 153 -7.26 -27.90 24.29
C ARG D 153 -8.43 -28.85 24.06
N VAL D 154 -8.59 -29.81 24.97
CA VAL D 154 -9.69 -30.79 24.89
C VAL D 154 -10.67 -30.58 26.04
N ASN D 155 -11.94 -30.82 25.76
CA ASN D 155 -12.98 -30.65 26.78
C ASN D 155 -13.69 -31.98 27.05
N ILE D 156 -13.07 -32.85 27.83
CA ILE D 156 -13.67 -34.13 28.15
C ILE D 156 -14.73 -33.95 29.22
N MET D 157 -15.78 -34.76 29.15
CA MET D 157 -16.87 -34.70 30.12
C MET D 157 -16.77 -35.95 31.00
N ARG D 158 -16.62 -35.74 32.30
CA ARG D 158 -16.51 -36.85 33.23
C ARG D 158 -17.83 -37.60 33.38
N LYS D 159 -17.81 -38.68 34.15
CA LYS D 159 -18.98 -39.51 34.37
C LYS D 159 -20.25 -38.71 34.62
N ASP D 160 -20.17 -37.70 35.48
CA ASP D 160 -21.31 -36.86 35.75
C ASP D 160 -21.37 -35.75 34.70
N GLY D 161 -22.02 -34.64 35.02
CA GLY D 161 -22.11 -33.54 34.07
C GLY D 161 -20.88 -32.67 33.97
N SER D 162 -19.88 -32.96 34.78
CA SER D 162 -18.63 -32.19 34.82
C SER D 162 -17.83 -32.31 33.52
N THR D 163 -16.89 -31.40 33.33
CA THR D 163 -16.04 -31.40 32.15
C THR D 163 -14.60 -31.04 32.49
N LEU D 164 -13.68 -31.96 32.22
CA LEU D 164 -12.25 -31.73 32.46
C LEU D 164 -11.69 -30.96 31.25
N THR D 165 -10.89 -29.92 31.49
CA THR D 165 -10.35 -29.14 30.39
C THR D 165 -8.82 -29.09 30.31
N LEU D 166 -8.24 -29.91 29.45
CA LEU D 166 -6.79 -29.92 29.30
C LEU D 166 -6.37 -28.95 28.19
N GLN D 167 -5.40 -28.10 28.48
CA GLN D 167 -4.93 -27.14 27.49
C GLN D 167 -3.40 -27.02 27.45
N THR D 168 -2.87 -26.99 26.23
CA THR D 168 -1.43 -26.86 26.04
C THR D 168 -1.06 -25.94 24.86
N PRO D 169 -0.36 -24.85 25.15
CA PRO D 169 0.05 -23.89 24.12
C PRO D 169 1.43 -24.25 23.55
N SER D 170 1.62 -23.98 22.26
CA SER D 170 2.88 -24.28 21.58
C SER D 170 3.93 -23.20 21.79
N SER D 171 5.07 -23.36 21.13
CA SER D 171 6.15 -22.38 21.21
C SER D 171 5.64 -21.17 20.44
N PRO D 172 6.19 -19.99 20.72
CA PRO D 172 5.67 -18.85 19.99
C PRO D 172 6.05 -18.94 18.52
N ILE D 173 5.24 -18.32 17.69
CA ILE D 173 5.46 -18.30 16.24
C ILE D 173 5.49 -16.86 15.81
N LEU D 174 6.45 -16.51 14.96
CA LEU D 174 6.53 -15.15 14.45
C LEU D 174 5.57 -15.14 13.26
N CYS D 175 4.73 -14.13 13.19
CA CYS D 175 3.74 -14.05 12.13
C CYS D 175 3.95 -12.91 11.16
N THR D 176 5.18 -12.42 11.07
CA THR D 176 5.48 -11.34 10.14
C THR D 176 6.05 -11.97 8.88
N GLN D 177 6.07 -11.20 7.80
CA GLN D 177 6.59 -11.68 6.53
C GLN D 177 8.11 -11.85 6.61
N PRO D 178 8.61 -13.05 6.30
CA PRO D 178 10.02 -13.44 6.31
C PRO D 178 10.81 -12.67 5.26
N ALA D 179 11.70 -11.78 5.70
CA ALA D 179 12.52 -10.98 4.79
C ALA D 179 12.99 -11.79 3.58
N GLY D 180 13.18 -11.13 2.45
CA GLY D 180 13.60 -11.84 1.26
C GLY D 180 15.09 -11.79 0.94
N VAL D 181 15.50 -12.73 0.10
CA VAL D 181 16.89 -12.84 -0.33
C VAL D 181 17.25 -11.67 -1.25
N PRO D 182 18.38 -10.99 -0.98
CA PRO D 182 18.80 -9.85 -1.80
C PRO D 182 19.14 -10.32 -3.22
N GLU D 183 19.09 -9.41 -4.18
CA GLU D 183 19.36 -9.78 -5.55
C GLU D 183 19.80 -8.59 -6.41
N ILE D 184 20.83 -8.80 -7.23
CA ILE D 184 21.32 -7.76 -8.13
C ILE D 184 20.86 -8.14 -9.53
N LEU D 185 20.06 -7.28 -10.14
CA LEU D 185 19.54 -7.53 -11.48
C LEU D 185 20.40 -6.89 -12.57
N LYS D 186 21.04 -5.77 -12.28
CA LYS D 186 21.87 -5.14 -13.29
C LYS D 186 22.71 -4.01 -12.70
N LYS D 187 23.95 -3.90 -13.16
CA LYS D 187 24.84 -2.85 -12.70
C LYS D 187 25.29 -2.04 -13.92
N SER D 188 25.56 -0.75 -13.70
CA SER D 188 25.95 0.15 -14.78
C SER D 188 27.42 0.13 -15.23
N LEU D 189 28.30 -0.41 -14.40
CA LEU D 189 29.72 -0.45 -14.70
C LEU D 189 30.24 -1.85 -14.41
N HIS D 190 31.04 -2.39 -15.32
CA HIS D 190 31.54 -3.74 -15.10
C HIS D 190 33.05 -3.76 -15.09
N SER D 191 33.65 -2.61 -15.31
CA SER D 191 35.10 -2.53 -15.35
C SER D 191 35.64 -1.24 -14.80
N CYS D 192 36.74 -1.33 -14.07
CA CYS D 192 37.36 -0.13 -13.52
C CYS D 192 38.84 -0.33 -13.20
N SER D 193 39.58 0.78 -13.27
CA SER D 193 41.02 0.76 -12.97
C SER D 193 41.19 0.19 -11.57
N VAL D 194 42.40 -0.25 -11.27
CA VAL D 194 42.72 -0.83 -9.97
C VAL D 194 42.51 0.14 -8.81
N LYS D 195 42.73 1.44 -9.02
CA LYS D 195 42.53 2.35 -7.91
C LYS D 195 41.05 2.51 -7.57
N GLY D 196 40.19 2.16 -8.52
CA GLY D 196 38.76 2.25 -8.29
C GLY D 196 38.28 3.67 -8.07
N GLU D 197 37.22 3.81 -7.27
CA GLU D 197 36.61 5.09 -6.92
C GLU D 197 35.45 5.53 -7.82
N GLU D 198 35.22 4.80 -8.90
CA GLU D 198 34.13 5.10 -9.80
C GLU D 198 32.86 4.49 -9.23
N GLU D 199 31.73 5.17 -9.41
CA GLU D 199 30.46 4.68 -8.88
C GLU D 199 29.79 3.64 -9.77
N VAL D 200 29.00 2.79 -9.14
CA VAL D 200 28.30 1.72 -9.84
C VAL D 200 26.85 1.65 -9.39
N PHE D 201 25.93 1.88 -10.32
CA PHE D 201 24.51 1.81 -9.99
C PHE D 201 24.06 0.37 -9.99
N LEU D 202 23.45 -0.05 -8.89
CA LEU D 202 22.95 -1.40 -8.77
C LEU D 202 21.44 -1.40 -8.64
N ILE D 203 20.75 -2.08 -9.54
CA ILE D 203 19.31 -2.16 -9.41
C ILE D 203 18.98 -3.63 -9.26
N GLY D 204 18.18 -3.93 -8.25
CA GLY D 204 17.77 -5.29 -7.96
C GLY D 204 16.61 -5.23 -7.00
N LYS D 205 16.68 -5.97 -5.91
CA LYS D 205 15.59 -5.97 -4.96
C LYS D 205 15.98 -6.47 -3.58
N ASN D 206 15.21 -6.03 -2.59
CA ASN D 206 15.40 -6.41 -1.20
C ASN D 206 16.70 -5.96 -0.56
N PHE D 207 17.03 -4.69 -0.76
CA PHE D 207 18.22 -4.13 -0.16
C PHE D 207 17.74 -3.53 1.16
N LEU D 208 17.78 -4.36 2.19
CA LEU D 208 17.34 -3.97 3.52
C LEU D 208 18.28 -3.01 4.25
N LYS D 209 17.87 -2.62 5.45
CA LYS D 209 18.63 -1.68 6.26
C LYS D 209 20.08 -2.09 6.53
N GLY D 210 20.32 -3.38 6.77
CA GLY D 210 21.68 -3.82 7.04
C GLY D 210 22.45 -4.42 5.88
N THR D 211 22.16 -3.96 4.66
CA THR D 211 22.83 -4.50 3.47
C THR D 211 24.22 -3.94 3.20
N LYS D 212 25.07 -4.82 2.68
CA LYS D 212 26.43 -4.45 2.34
C LYS D 212 26.78 -4.99 0.96
N VAL D 213 27.49 -4.18 0.18
CA VAL D 213 27.94 -4.53 -1.16
C VAL D 213 29.37 -5.05 -1.02
N ILE D 214 29.60 -6.29 -1.44
CA ILE D 214 30.93 -6.86 -1.31
C ILE D 214 31.63 -7.20 -2.62
N PHE D 215 32.82 -6.64 -2.80
CA PHE D 215 33.67 -6.89 -3.97
C PHE D 215 34.64 -8.00 -3.54
N GLN D 216 34.64 -9.11 -4.26
CA GLN D 216 35.50 -10.25 -3.93
C GLN D 216 36.20 -10.84 -5.14
N GLU D 217 37.25 -11.62 -4.91
CA GLU D 217 37.99 -12.25 -6.02
C GLU D 217 37.38 -13.55 -6.51
N ASN D 218 36.89 -14.38 -5.59
CA ASN D 218 36.32 -15.66 -5.97
C ASN D 218 35.18 -16.10 -5.05
N VAL D 219 35.04 -17.42 -4.90
CA VAL D 219 34.02 -17.99 -4.05
C VAL D 219 34.76 -18.80 -2.99
N SER D 220 35.78 -18.16 -2.40
CA SER D 220 36.58 -18.77 -1.35
C SER D 220 36.09 -18.25 -0.01
N ASP D 221 35.09 -18.94 0.53
CA ASP D 221 34.46 -18.59 1.80
C ASP D 221 35.45 -18.04 2.82
N GLU D 222 36.50 -18.82 3.12
CA GLU D 222 37.50 -18.42 4.09
C GLU D 222 38.09 -17.06 3.77
N ASN D 223 38.63 -16.91 2.58
CA ASN D 223 39.22 -15.64 2.18
C ASN D 223 39.83 -15.73 0.81
N SER D 224 39.50 -14.74 -0.02
CA SER D 224 40.01 -14.62 -1.38
C SER D 224 39.82 -13.13 -1.62
N TRP D 225 40.25 -12.36 -0.63
CA TRP D 225 40.13 -10.91 -0.64
C TRP D 225 38.72 -10.44 -0.95
N LYS D 226 38.11 -9.79 0.04
CA LYS D 226 36.76 -9.27 -0.10
C LYS D 226 36.85 -7.82 0.38
N SER D 227 35.85 -7.01 0.09
CA SER D 227 35.86 -5.63 0.53
C SER D 227 34.51 -4.97 0.40
N GLU D 228 34.09 -4.28 1.46
CA GLU D 228 32.81 -3.60 1.46
C GLU D 228 32.95 -2.31 0.66
N ALA D 229 32.09 -2.14 -0.34
CA ALA D 229 32.12 -0.93 -1.16
C ALA D 229 31.27 0.10 -0.42
N GLU D 230 31.69 1.35 -0.44
CA GLU D 230 30.91 2.36 0.26
C GLU D 230 29.58 2.61 -0.44
N ILE D 231 28.51 2.68 0.34
CA ILE D 231 27.19 2.92 -0.22
C ILE D 231 26.76 4.36 0.00
N ASP D 232 26.06 4.91 -0.97
CA ASP D 232 25.56 6.27 -0.87
C ASP D 232 24.25 6.16 -0.09
N MET D 233 24.19 6.79 1.07
CA MET D 233 22.98 6.74 1.89
C MET D 233 21.90 7.72 1.44
N GLU D 234 22.31 8.88 0.95
CA GLU D 234 21.36 9.88 0.49
C GLU D 234 20.48 9.40 -0.66
N LEU D 235 20.66 8.14 -1.08
CA LEU D 235 19.85 7.60 -2.18
C LEU D 235 19.65 6.12 -2.02
N PHE D 236 19.71 5.64 -0.78
CA PHE D 236 19.51 4.23 -0.54
C PHE D 236 18.07 3.89 -0.91
N HIS D 237 17.85 2.66 -1.38
CA HIS D 237 16.52 2.21 -1.75
C HIS D 237 16.49 0.69 -1.78
N GLN D 238 15.37 0.11 -1.37
CA GLN D 238 15.25 -1.32 -1.34
C GLN D 238 15.51 -1.98 -2.70
N ASN D 239 15.26 -1.24 -3.78
CA ASN D 239 15.45 -1.81 -5.11
C ASN D 239 16.67 -1.32 -5.87
N HIS D 240 17.32 -0.28 -5.40
CA HIS D 240 18.49 0.21 -6.10
C HIS D 240 19.44 0.89 -5.12
N LEU D 241 20.73 0.95 -5.48
CA LEU D 241 21.71 1.61 -4.61
C LEU D 241 23.00 1.97 -5.35
N ILE D 242 23.59 3.10 -4.97
CA ILE D 242 24.81 3.57 -5.60
C ILE D 242 26.04 3.38 -4.71
N VAL D 243 26.98 2.56 -5.15
CA VAL D 243 28.20 2.28 -4.42
C VAL D 243 29.45 2.70 -5.18
N LYS D 244 30.51 3.05 -4.45
CA LYS D 244 31.76 3.44 -5.09
C LYS D 244 32.67 2.22 -5.15
N VAL D 245 33.37 2.06 -6.27
CA VAL D 245 34.24 0.92 -6.43
C VAL D 245 35.43 0.97 -5.49
N PRO D 246 35.56 -0.06 -4.64
CA PRO D 246 36.68 -0.12 -3.70
C PRO D 246 37.98 -0.38 -4.45
N PRO D 247 39.07 0.29 -4.07
CA PRO D 247 40.34 0.07 -4.76
C PRO D 247 40.87 -1.34 -4.48
N TYR D 248 41.47 -1.94 -5.50
CA TYR D 248 42.00 -3.30 -5.42
C TYR D 248 43.25 -3.41 -4.54
N HIS D 249 43.44 -4.59 -3.96
CA HIS D 249 44.56 -4.86 -3.06
C HIS D 249 45.95 -4.81 -3.68
N ASP D 250 46.03 -5.01 -5.00
CA ASP D 250 47.32 -4.99 -5.68
C ASP D 250 47.41 -3.86 -6.70
N GLN D 251 47.73 -2.66 -6.22
CA GLN D 251 47.84 -1.50 -7.09
C GLN D 251 48.78 -1.71 -8.28
N HIS D 252 49.53 -2.81 -8.26
CA HIS D 252 50.48 -3.05 -9.35
C HIS D 252 50.27 -4.32 -10.17
N ILE D 253 49.03 -4.65 -10.48
CA ILE D 253 48.78 -5.84 -11.31
C ILE D 253 49.22 -5.50 -12.73
N THR D 254 49.70 -6.50 -13.45
CA THR D 254 50.15 -6.30 -14.82
C THR D 254 49.01 -6.65 -15.77
N LEU D 255 48.12 -7.52 -15.29
CA LEU D 255 46.99 -7.95 -16.09
C LEU D 255 45.63 -7.76 -15.42
N PRO D 256 44.58 -7.57 -16.23
CA PRO D 256 43.21 -7.38 -15.75
C PRO D 256 42.74 -8.55 -14.89
N VAL D 257 42.22 -8.23 -13.71
CA VAL D 257 41.74 -9.25 -12.80
C VAL D 257 40.22 -9.24 -12.74
N SER D 258 39.60 -10.40 -12.91
CA SER D 258 38.15 -10.48 -12.86
C SER D 258 37.72 -10.85 -11.45
N VAL D 259 36.84 -10.03 -10.87
CA VAL D 259 36.36 -10.28 -9.53
C VAL D 259 34.84 -10.29 -9.50
N GLY D 260 34.28 -10.70 -8.36
CA GLY D 260 32.84 -10.76 -8.23
C GLY D 260 32.27 -9.81 -7.20
N ILE D 261 30.99 -9.48 -7.41
CA ILE D 261 30.27 -8.59 -6.52
C ILE D 261 28.99 -9.29 -6.10
N TYR D 262 28.64 -9.14 -4.83
CA TYR D 262 27.42 -9.71 -4.32
C TYR D 262 27.04 -8.89 -3.10
N VAL D 263 25.77 -8.97 -2.72
CA VAL D 263 25.31 -8.20 -1.59
C VAL D 263 24.82 -9.04 -0.43
N VAL D 264 25.09 -8.53 0.76
CA VAL D 264 24.66 -9.18 1.98
C VAL D 264 23.61 -8.31 2.63
N THR D 265 22.52 -8.95 3.04
CA THR D 265 21.41 -8.27 3.69
C THR D 265 21.29 -8.91 5.06
N ASN D 266 20.86 -8.13 6.04
CA ASN D 266 20.72 -8.64 7.39
C ASN D 266 19.97 -9.97 7.39
N ALA D 267 19.43 -10.36 6.24
CA ALA D 267 18.68 -11.60 6.11
C ALA D 267 19.39 -12.65 5.26
N GLY D 268 20.35 -12.23 4.44
CA GLY D 268 21.05 -13.18 3.59
C GLY D 268 22.04 -12.59 2.61
N ARG D 269 22.44 -13.39 1.62
CA ARG D 269 23.40 -12.97 0.60
C ARG D 269 22.91 -13.22 -0.82
N SER D 270 22.99 -12.21 -1.69
CA SER D 270 22.57 -12.39 -3.07
C SER D 270 23.38 -13.52 -3.69
N HIS D 271 22.84 -14.73 -3.65
CA HIS D 271 23.56 -15.89 -4.16
C HIS D 271 24.08 -15.73 -5.59
N ASP D 272 23.43 -14.93 -6.42
CA ASP D 272 23.90 -14.72 -7.78
C ASP D 272 24.99 -13.62 -7.81
N VAL D 273 26.18 -13.98 -8.28
CA VAL D 273 27.28 -13.02 -8.32
C VAL D 273 27.49 -12.31 -9.65
N GLN D 274 27.79 -11.02 -9.54
CA GLN D 274 28.03 -10.16 -10.70
C GLN D 274 29.54 -10.10 -10.96
N PRO D 275 29.95 -10.09 -12.24
CA PRO D 275 31.37 -10.03 -12.65
C PRO D 275 31.84 -8.59 -12.73
N PHE D 276 33.07 -8.34 -12.32
CA PHE D 276 33.61 -6.99 -12.40
C PHE D 276 35.10 -7.10 -12.67
N THR D 277 35.58 -6.36 -13.65
CA THR D 277 36.99 -6.44 -13.99
C THR D 277 37.81 -5.24 -13.57
N TYR D 278 38.85 -5.53 -12.80
CA TYR D 278 39.79 -4.52 -12.34
C TYR D 278 40.88 -4.46 -13.42
N THR D 279 41.25 -3.26 -13.81
CA THR D 279 42.28 -3.10 -14.83
C THR D 279 43.47 -2.28 -14.33
N PRO D 280 44.68 -2.62 -14.80
CA PRO D 280 45.94 -1.95 -14.43
C PRO D 280 45.89 -0.43 -14.50
N ASP D 281 46.71 0.21 -13.68
CA ASP D 281 46.79 1.67 -13.61
C ASP D 281 47.57 2.29 -14.79
#